data_9QUO
#
_entry.id   9QUO
#
_cell.length_a   76.360
_cell.length_b   76.360
_cell.length_c   70.810
_cell.angle_alpha   90.00
_cell.angle_beta   90.00
_cell.angle_gamma   120.00
#
_symmetry.space_group_name_H-M   'P 31 2 1'
#
loop_
_entity.id
_entity.type
_entity.pdbx_description
1 polymer 'TFD-EH T87E'
2 non-polymer 'COBALT (II) ION'
3 non-polymer IMIDAZOLE
4 non-polymer GLYCEROL
5 non-polymer 'SODIUM ION'
6 water water
#
_entity_poly.entity_id   1
_entity_poly.type   'polypeptide(L)'
_entity_poly.pdbx_seq_one_letter_code
;GAMGDILIVWAKDVDEMLKQVEILRRLGAKQIAVESSDWRILQEALKKGGDILIVNGGGMTITFRGDDLEALLKAAIEMI
KQALKFGATIELSLDGNDLNINITGVPEQVRKELAKEAERLAKEFGITVTRTGGGDVDEMLKQVEILRRLGAKQIAVHSD
DWRILQEALKKG
;
_entity_poly.pdbx_strand_id   A
#
loop_
_chem_comp.id
_chem_comp.type
_chem_comp.name
_chem_comp.formula
CO non-polymer 'COBALT (II) ION' 'Co 2'
GOL non-polymer GLYCEROL 'C3 H8 O3'
IMD non-polymer IMIDAZOLE 'C3 H5 N2 1'
NA non-polymer 'SODIUM ION' 'Na 1'
#
# COMPACT_ATOMS: atom_id res chain seq x y z
N GLY A 1 20.23 7.24 14.45
CA GLY A 1 19.88 7.57 15.87
C GLY A 1 19.93 6.34 16.76
N ALA A 2 19.62 6.52 18.04
CA ALA A 2 19.73 5.51 19.12
C ALA A 2 18.73 4.37 18.92
N MET A 3 17.57 4.64 18.30
CA MET A 3 16.47 3.65 18.14
C MET A 3 16.51 2.99 16.75
N GLY A 4 17.31 3.51 15.81
CA GLY A 4 17.39 2.98 14.43
C GLY A 4 17.93 4.00 13.44
N ASP A 5 18.01 3.61 12.16
CA ASP A 5 18.65 4.37 11.06
C ASP A 5 17.57 4.93 10.11
N ILE A 6 16.42 4.27 10.02
CA ILE A 6 15.37 4.48 8.97
C ILE A 6 14.00 4.43 9.65
N LEU A 7 13.14 5.43 9.39
CA LEU A 7 11.72 5.40 9.81
C LEU A 7 10.85 5.04 8.61
N ILE A 8 9.88 4.16 8.81
CA ILE A 8 8.97 3.72 7.71
C ILE A 8 7.64 4.44 7.84
N VAL A 9 7.24 5.20 6.82
CA VAL A 9 5.92 5.87 6.71
C VAL A 9 5.09 5.13 5.66
N TRP A 10 3.94 4.59 6.04
CA TRP A 10 2.92 4.07 5.09
C TRP A 10 2.06 5.24 4.64
N ALA A 11 2.21 5.65 3.38
CA ALA A 11 1.58 6.84 2.78
C ALA A 11 0.38 6.41 1.92
N LYS A 12 -0.81 6.94 2.23
CA LYS A 12 -2.09 6.68 1.51
C LYS A 12 -2.58 7.95 0.80
N ASP A 13 -1.98 9.10 1.13
CA ASP A 13 -2.37 10.42 0.56
C ASP A 13 -1.10 11.28 0.48
N VAL A 14 -0.88 11.95 -0.66
CA VAL A 14 0.35 12.75 -0.95
C VAL A 14 0.52 13.81 0.14
N ASP A 15 -0.55 14.54 0.47
CA ASP A 15 -0.52 15.65 1.47
C ASP A 15 -0.22 15.08 2.87
N GLU A 16 -0.91 14.01 3.27
CA GLU A 16 -0.67 13.34 4.58
C GLU A 16 0.79 12.89 4.65
N MET A 17 1.32 12.32 3.56
CA MET A 17 2.73 11.83 3.47
C MET A 17 3.70 13.00 3.73
N LEU A 18 3.52 14.12 3.02
CA LEU A 18 4.42 15.30 3.10
C LEU A 18 4.36 15.90 4.52
N LYS A 19 3.18 15.95 5.13
CA LYS A 19 2.99 16.43 6.53
C LYS A 19 3.74 15.49 7.49
N GLN A 20 3.59 14.17 7.33
CA GLN A 20 4.24 13.15 8.20
C GLN A 20 5.76 13.31 8.13
N VAL A 21 6.29 13.39 6.91
CA VAL A 21 7.75 13.52 6.65
C VAL A 21 8.26 14.77 7.35
N GLU A 22 7.54 15.90 7.26
CA GLU A 22 7.97 17.19 7.86
C GLU A 22 7.97 17.05 9.39
N ILE A 23 6.97 16.39 9.97
CA ILE A 23 6.85 16.18 11.45
C ILE A 23 8.05 15.37 11.95
N LEU A 24 8.46 14.34 11.21
CA LEU A 24 9.57 13.44 11.61
C LEU A 24 10.90 14.20 11.51
N ARG A 25 11.07 15.00 10.45
CA ARG A 25 12.28 15.84 10.23
C ARG A 25 12.44 16.84 11.38
N ARG A 26 11.34 17.44 11.85
CA ARG A 26 11.35 18.40 12.99
C ARG A 26 11.73 17.67 14.28
N LEU A 27 11.38 16.37 14.42
CA LEU A 27 11.73 15.55 15.60
C LEU A 27 13.17 15.01 15.46
N GLY A 28 13.84 15.24 14.32
CA GLY A 28 15.26 14.94 14.12
C GLY A 28 15.51 13.69 13.31
N ALA A 29 14.49 13.12 12.67
CA ALA A 29 14.63 11.94 11.78
C ALA A 29 15.48 12.32 10.57
N LYS A 30 16.43 11.46 10.18
CA LYS A 30 17.45 11.72 9.13
C LYS A 30 17.13 10.95 7.84
N GLN A 31 16.69 9.69 7.93
CA GLN A 31 16.29 8.85 6.76
C GLN A 31 14.85 8.37 6.96
N ILE A 32 13.97 8.67 6.00
CA ILE A 32 12.54 8.27 6.03
C ILE A 32 12.25 7.47 4.76
N ALA A 33 11.84 6.22 4.94
CA ALA A 33 11.36 5.32 3.86
C ALA A 33 9.86 5.51 3.71
N VAL A 34 9.35 5.58 2.47
CA VAL A 34 7.89 5.70 2.19
C VAL A 34 7.42 4.41 1.50
N GLU A 35 6.32 3.85 2.02
CA GLU A 35 5.63 2.65 1.49
C GLU A 35 4.27 3.09 0.93
N SER A 36 3.94 2.67 -0.30
CA SER A 36 2.63 2.94 -0.95
C SER A 36 2.44 2.01 -2.15
N SER A 37 1.19 1.62 -2.40
CA SER A 37 0.68 1.00 -3.65
C SER A 37 0.61 2.05 -4.76
N ASP A 38 0.57 3.33 -4.39
CA ASP A 38 0.35 4.49 -5.30
C ASP A 38 1.70 5.00 -5.80
N TRP A 39 2.00 4.77 -7.08
CA TRP A 39 3.30 5.11 -7.71
C TRP A 39 3.54 6.63 -7.62
N ARG A 40 2.48 7.43 -7.69
CA ARG A 40 2.58 8.91 -7.66
C ARG A 40 3.05 9.36 -6.27
N ILE A 41 2.60 8.70 -5.20
CA ILE A 41 3.02 9.01 -3.80
C ILE A 41 4.51 8.71 -3.65
N LEU A 42 5.01 7.62 -4.23
CA LEU A 42 6.44 7.23 -4.11
C LEU A 42 7.31 8.22 -4.90
N GLN A 43 6.85 8.67 -6.08
CA GLN A 43 7.57 9.70 -6.89
C GLN A 43 7.64 11.00 -6.10
N GLU A 44 6.56 11.35 -5.38
CA GLU A 44 6.49 12.59 -4.55
C GLU A 44 7.44 12.46 -3.34
N ALA A 45 7.59 11.25 -2.78
CA ALA A 45 8.54 10.97 -1.69
C ALA A 45 9.97 11.24 -2.18
N LEU A 46 10.32 10.83 -3.40
CA LEU A 46 11.65 11.09 -4.03
C LEU A 46 11.86 12.60 -4.25
N LYS A 47 10.85 13.29 -4.80
CA LYS A 47 10.88 14.76 -5.08
C LYS A 47 11.15 15.54 -3.78
N LYS A 48 10.64 15.04 -2.64
CA LYS A 48 10.76 15.68 -1.31
C LYS A 48 12.15 15.44 -0.72
N GLY A 49 12.95 14.52 -1.30
CA GLY A 49 14.35 14.27 -0.91
C GLY A 49 14.57 12.90 -0.28
N GLY A 50 13.57 12.01 -0.29
CA GLY A 50 13.73 10.61 0.15
C GLY A 50 14.43 9.79 -0.93
N ASP A 51 14.98 8.62 -0.59
CA ASP A 51 15.56 7.71 -1.60
C ASP A 51 15.34 6.24 -1.24
N ILE A 52 14.59 5.94 -0.17
CA ILE A 52 14.20 4.54 0.22
C ILE A 52 12.68 4.42 0.07
N LEU A 53 12.24 3.46 -0.74
CA LEU A 53 10.80 3.23 -1.07
C LEU A 53 10.47 1.75 -0.86
N ILE A 54 9.25 1.50 -0.38
CA ILE A 54 8.65 0.14 -0.26
C ILE A 54 7.47 0.05 -1.23
N VAL A 55 7.60 -0.80 -2.25
CA VAL A 55 6.60 -0.93 -3.35
C VAL A 55 5.71 -2.14 -3.07
N ASN A 56 4.57 -2.19 -3.76
CA ASN A 56 3.60 -3.31 -3.77
C ASN A 56 3.31 -3.62 -5.25
N GLY A 57 3.88 -4.71 -5.77
CA GLY A 57 3.85 -5.04 -7.20
C GLY A 57 2.64 -5.88 -7.58
N GLY A 58 2.44 -7.01 -6.91
CA GLY A 58 1.40 -8.00 -7.25
C GLY A 58 0.14 -7.81 -6.42
N GLY A 59 0.22 -7.09 -5.30
CA GLY A 59 -0.89 -6.91 -4.36
C GLY A 59 -1.65 -5.62 -4.64
N MET A 60 -2.36 -5.11 -3.65
CA MET A 60 -3.19 -3.88 -3.78
C MET A 60 -3.50 -3.30 -2.39
N THR A 61 -3.86 -2.02 -2.36
CA THR A 61 -4.48 -1.36 -1.20
C THR A 61 -5.97 -1.19 -1.50
N ILE A 62 -6.85 -1.75 -0.65
CA ILE A 62 -8.32 -1.48 -0.65
C ILE A 62 -8.57 -0.40 0.41
N THR A 63 -9.28 0.66 0.04
CA THR A 63 -9.64 1.78 0.94
C THR A 63 -11.16 1.92 0.99
N PHE A 64 -11.76 1.57 2.13
CA PHE A 64 -13.20 1.82 2.42
C PHE A 64 -13.31 3.24 2.98
N ARG A 65 -14.33 3.98 2.55
CA ARG A 65 -14.59 5.38 2.96
C ARG A 65 -16.06 5.50 3.35
N GLY A 66 -16.36 6.19 4.46
CA GLY A 66 -17.73 6.35 4.99
C GLY A 66 -17.73 6.97 6.37
N ASP A 67 -18.85 7.59 6.76
CA ASP A 67 -19.01 8.36 8.01
C ASP A 67 -19.29 7.41 9.18
N ASP A 68 -19.82 6.20 8.91
CA ASP A 68 -20.13 5.18 9.94
C ASP A 68 -18.94 4.21 10.06
N LEU A 69 -18.14 4.36 11.13
CA LEU A 69 -16.95 3.52 11.38
C LEU A 69 -17.35 2.04 11.52
N GLU A 70 -18.50 1.76 12.14
CA GLU A 70 -18.95 0.36 12.37
C GLU A 70 -19.23 -0.33 11.03
N ALA A 71 -19.61 0.43 10.00
CA ALA A 71 -19.90 -0.09 8.63
C ALA A 71 -18.58 -0.34 7.90
N LEU A 72 -17.61 0.56 8.03
CA LEU A 72 -16.23 0.37 7.49
C LEU A 72 -15.64 -0.91 8.09
N LEU A 73 -15.81 -1.11 9.41
CA LEU A 73 -15.22 -2.26 10.15
C LEU A 73 -15.87 -3.57 9.71
N LYS A 74 -17.19 -3.58 9.44
CA LYS A 74 -17.92 -4.79 8.99
C LYS A 74 -17.41 -5.19 7.60
N ALA A 75 -17.20 -4.22 6.70
CA ALA A 75 -16.65 -4.45 5.33
C ALA A 75 -15.21 -4.97 5.44
N ALA A 76 -14.36 -4.28 6.22
CA ALA A 76 -12.94 -4.62 6.44
C ALA A 76 -12.80 -6.03 7.00
N ILE A 77 -13.64 -6.40 7.98
CA ILE A 77 -13.56 -7.71 8.69
C ILE A 77 -13.77 -8.87 7.69
N GLU A 78 -14.71 -8.74 6.75
CA GLU A 78 -14.98 -9.78 5.72
C GLU A 78 -13.78 -9.91 4.79
N MET A 79 -13.20 -8.78 4.35
CA MET A 79 -11.96 -8.74 3.53
C MET A 79 -10.81 -9.45 4.27
N ILE A 80 -10.64 -9.15 5.56
CA ILE A 80 -9.55 -9.71 6.42
C ILE A 80 -9.72 -11.23 6.50
N LYS A 81 -10.93 -11.71 6.78
CA LYS A 81 -11.19 -13.17 6.95
C LYS A 81 -10.86 -13.90 5.64
N GLN A 82 -11.32 -13.37 4.49
CA GLN A 82 -11.07 -13.97 3.15
C GLN A 82 -9.56 -13.94 2.84
N ALA A 83 -8.93 -12.77 2.95
CA ALA A 83 -7.52 -12.55 2.54
C ALA A 83 -6.60 -13.48 3.33
N LEU A 84 -6.79 -13.59 4.66
CA LEU A 84 -5.99 -14.48 5.54
C LEU A 84 -6.15 -15.94 5.10
N LYS A 85 -7.39 -16.35 4.77
CA LYS A 85 -7.68 -17.75 4.35
C LYS A 85 -6.94 -18.06 3.05
N PHE A 86 -6.78 -17.08 2.15
CA PHE A 86 -6.08 -17.23 0.85
C PHE A 86 -4.55 -17.15 1.05
N GLY A 87 -4.08 -16.83 2.26
CA GLY A 87 -2.65 -16.83 2.66
C GLY A 87 -2.00 -15.47 2.49
N ALA A 88 -2.79 -14.40 2.40
CA ALA A 88 -2.22 -13.05 2.18
C ALA A 88 -1.77 -12.43 3.51
N THR A 89 -0.78 -11.54 3.43
CA THR A 89 -0.32 -10.75 4.60
C THR A 89 -1.06 -9.42 4.51
N ILE A 90 -1.63 -8.94 5.61
CA ILE A 90 -2.45 -7.69 5.56
C ILE A 90 -1.90 -6.61 6.49
N GLU A 91 -2.00 -5.35 6.04
CA GLU A 91 -1.61 -4.14 6.81
C GLU A 91 -2.87 -3.26 6.90
N LEU A 92 -3.32 -2.91 8.10
CA LEU A 92 -4.56 -2.10 8.25
C LEU A 92 -4.28 -0.82 9.03
N SER A 93 -5.07 0.23 8.78
CA SER A 93 -4.94 1.54 9.47
C SER A 93 -6.16 2.43 9.20
N LEU A 94 -6.63 3.11 10.23
CA LEU A 94 -7.71 4.14 10.15
C LEU A 94 -7.05 5.48 9.87
N ASP A 95 -7.59 6.22 8.91
CA ASP A 95 -7.10 7.56 8.49
C ASP A 95 -8.33 8.43 8.20
N GLY A 96 -8.76 9.23 9.18
CA GLY A 96 -10.02 10.00 9.14
C GLY A 96 -11.23 9.09 8.92
N ASN A 97 -11.92 9.25 7.79
CA ASN A 97 -13.12 8.47 7.42
C ASN A 97 -12.72 7.30 6.51
N ASP A 98 -11.42 7.02 6.38
CA ASP A 98 -10.86 5.96 5.51
C ASP A 98 -10.34 4.79 6.37
N LEU A 99 -10.55 3.56 5.90
CA LEU A 99 -9.92 2.32 6.44
C LEU A 99 -9.11 1.68 5.32
N ASN A 100 -7.79 1.66 5.46
CA ASN A 100 -6.84 1.21 4.42
C ASN A 100 -6.39 -0.23 4.72
N ILE A 101 -6.42 -1.08 3.69
CA ILE A 101 -6.07 -2.53 3.76
C ILE A 101 -5.05 -2.83 2.65
N ASN A 102 -3.78 -3.00 3.02
CA ASN A 102 -2.70 -3.38 2.08
C ASN A 102 -2.59 -4.91 2.10
N ILE A 103 -2.78 -5.54 0.94
CA ILE A 103 -2.86 -7.02 0.78
C ILE A 103 -1.71 -7.45 -0.13
N THR A 104 -0.88 -8.39 0.32
CA THR A 104 0.20 -9.01 -0.50
C THR A 104 0.16 -10.53 -0.35
N GLY A 105 0.78 -11.23 -1.30
CA GLY A 105 1.11 -12.67 -1.23
C GLY A 105 -0.02 -13.55 -1.74
N VAL A 106 -0.90 -13.02 -2.60
CA VAL A 106 -1.95 -13.84 -3.28
C VAL A 106 -1.75 -13.72 -4.79
N PRO A 107 -2.01 -14.81 -5.55
CA PRO A 107 -1.89 -14.78 -7.01
C PRO A 107 -2.98 -13.91 -7.68
N GLU A 108 -2.80 -13.63 -8.97
CA GLU A 108 -3.61 -12.65 -9.74
C GLU A 108 -5.10 -13.00 -9.67
N GLN A 109 -5.48 -14.27 -9.84
CA GLN A 109 -6.90 -14.73 -9.84
C GLN A 109 -7.54 -14.47 -8.47
N VAL A 110 -6.78 -14.65 -7.39
CA VAL A 110 -7.26 -14.44 -5.99
C VAL A 110 -7.37 -12.93 -5.72
N ARG A 111 -6.41 -12.14 -6.21
CA ARG A 111 -6.43 -10.66 -6.08
C ARG A 111 -7.71 -10.13 -6.74
N LYS A 112 -8.05 -10.69 -7.91
CA LYS A 112 -9.24 -10.33 -8.72
C LYS A 112 -10.52 -10.62 -7.92
N GLU A 113 -10.61 -11.80 -7.32
CA GLU A 113 -11.75 -12.23 -6.45
C GLU A 113 -11.89 -11.26 -5.26
N LEU A 114 -10.79 -10.94 -4.57
CA LEU A 114 -10.81 -10.03 -3.38
C LEU A 114 -11.27 -8.63 -3.79
N ALA A 115 -10.84 -8.13 -4.95
CA ALA A 115 -11.21 -6.80 -5.48
C ALA A 115 -12.73 -6.76 -5.75
N LYS A 116 -13.31 -7.88 -6.20
CA LYS A 116 -14.76 -8.02 -6.49
C LYS A 116 -15.56 -8.03 -5.18
N GLU A 117 -15.09 -8.77 -4.17
CA GLU A 117 -15.73 -8.83 -2.83
C GLU A 117 -15.72 -7.44 -2.19
N ALA A 118 -14.66 -6.65 -2.41
CA ALA A 118 -14.51 -5.27 -1.90
C ALA A 118 -15.65 -4.40 -2.41
N GLU A 119 -15.94 -4.47 -3.72
CA GLU A 119 -17.05 -3.72 -4.40
C GLU A 119 -18.40 -4.15 -3.81
N ARG A 120 -18.63 -5.46 -3.74
CA ARG A 120 -19.87 -6.08 -3.20
C ARG A 120 -20.10 -5.64 -1.76
N LEU A 121 -19.07 -5.75 -0.90
CA LEU A 121 -19.13 -5.42 0.55
C LEU A 121 -19.45 -3.93 0.74
N ALA A 122 -18.87 -3.07 -0.10
CA ALA A 122 -19.10 -1.61 -0.09
C ALA A 122 -20.57 -1.30 -0.35
N LYS A 123 -21.18 -1.98 -1.32
CA LYS A 123 -22.62 -1.83 -1.68
C LYS A 123 -23.50 -2.34 -0.54
N GLU A 124 -23.13 -3.47 0.08
CA GLU A 124 -23.90 -4.10 1.19
C GLU A 124 -23.96 -3.13 2.38
N PHE A 125 -22.83 -2.51 2.75
CA PHE A 125 -22.70 -1.73 4.00
C PHE A 125 -22.87 -0.22 3.72
N GLY A 126 -23.17 0.16 2.48
CA GLY A 126 -23.53 1.53 2.08
C GLY A 126 -22.36 2.49 2.20
N ILE A 127 -21.18 2.07 1.73
CA ILE A 127 -19.90 2.85 1.82
C ILE A 127 -19.24 2.81 0.43
N THR A 128 -18.22 3.63 0.20
CA THR A 128 -17.45 3.66 -1.07
C THR A 128 -16.13 2.90 -0.87
N VAL A 129 -15.58 2.36 -1.95
CA VAL A 129 -14.28 1.62 -1.94
C VAL A 129 -13.42 2.14 -3.10
N THR A 130 -12.12 2.27 -2.85
CA THR A 130 -11.08 2.59 -3.86
C THR A 130 -10.04 1.46 -3.85
N ARG A 131 -9.54 1.08 -5.02
CA ARG A 131 -8.48 0.04 -5.16
C ARG A 131 -7.26 0.71 -5.79
N THR A 132 -6.08 0.56 -5.18
CA THR A 132 -4.81 1.14 -5.67
C THR A 132 -3.78 0.01 -5.85
N GLY A 133 -3.00 0.09 -6.94
CA GLY A 133 -2.18 -1.04 -7.42
C GLY A 133 -3.07 -2.14 -7.96
N GLY A 134 -2.53 -3.36 -8.09
CA GLY A 134 -3.20 -4.50 -8.74
C GLY A 134 -2.70 -4.70 -10.16
N GLY A 135 -1.74 -3.87 -10.59
CA GLY A 135 -1.13 -3.91 -11.93
C GLY A 135 -0.54 -5.28 -12.25
N ASP A 136 -0.35 -5.55 -13.54
CA ASP A 136 0.41 -6.73 -14.03
C ASP A 136 1.90 -6.49 -13.75
N VAL A 137 2.72 -7.54 -13.92
CA VAL A 137 4.16 -7.55 -13.53
C VAL A 137 4.96 -6.61 -14.44
N ASP A 138 4.52 -6.41 -15.69
CA ASP A 138 5.22 -5.53 -16.67
C ASP A 138 5.09 -4.07 -16.23
N GLU A 139 3.92 -3.67 -15.71
CA GLU A 139 3.69 -2.29 -15.18
C GLU A 139 4.61 -2.08 -13.98
N MET A 140 4.70 -3.06 -13.08
CA MET A 140 5.58 -2.99 -11.88
C MET A 140 7.02 -2.75 -12.33
N LEU A 141 7.51 -3.56 -13.28
CA LEU A 141 8.91 -3.47 -13.78
C LEU A 141 9.16 -2.08 -14.36
N LYS A 142 8.20 -1.52 -15.09
CA LYS A 142 8.28 -0.16 -15.71
C LYS A 142 8.34 0.90 -14.61
N GLN A 143 7.44 0.84 -13.63
CA GLN A 143 7.32 1.86 -12.55
C GLN A 143 8.56 1.81 -11.64
N VAL A 144 9.15 0.63 -11.39
CA VAL A 144 10.39 0.51 -10.58
C VAL A 144 11.53 1.23 -11.33
N GLU A 145 11.66 1.01 -12.63
CA GLU A 145 12.72 1.66 -13.47
C GLU A 145 12.54 3.17 -13.40
N ILE A 146 11.30 3.67 -13.43
CA ILE A 146 10.97 5.13 -13.35
C ILE A 146 11.42 5.67 -11.99
N LEU A 147 11.10 4.98 -10.89
CA LEU A 147 11.54 5.40 -9.53
C LEU A 147 13.08 5.48 -9.50
N ARG A 148 13.77 4.54 -10.13
CA ARG A 148 15.26 4.51 -10.16
C ARG A 148 15.79 5.70 -10.96
N ARG A 149 15.17 6.01 -12.11
CA ARG A 149 15.55 7.18 -12.96
C ARG A 149 15.33 8.48 -12.16
N LEU A 150 14.34 8.51 -11.26
CA LEU A 150 13.99 9.70 -10.44
C LEU A 150 14.83 9.75 -9.16
N GLY A 151 15.70 8.75 -8.93
CA GLY A 151 16.78 8.81 -7.92
C GLY A 151 16.54 7.93 -6.70
N ALA A 152 15.71 6.89 -6.80
CA ALA A 152 15.56 5.88 -5.72
C ALA A 152 16.89 5.12 -5.60
N LYS A 153 17.38 4.93 -4.37
CA LYS A 153 18.67 4.24 -4.09
C LYS A 153 18.38 2.83 -3.57
N GLN A 154 17.35 2.69 -2.74
CA GLN A 154 16.93 1.38 -2.15
C GLN A 154 15.43 1.21 -2.32
N ILE A 155 15.03 0.18 -3.06
CA ILE A 155 13.60 -0.23 -3.26
C ILE A 155 13.40 -1.57 -2.55
N ALA A 156 12.48 -1.60 -1.59
CA ALA A 156 12.12 -2.80 -0.80
C ALA A 156 10.78 -3.35 -1.32
N VAL A 157 10.64 -4.67 -1.28
CA VAL A 157 9.42 -5.40 -1.71
C VAL A 157 9.12 -6.49 -0.68
N HIS A 158 7.85 -6.71 -0.36
CA HIS A 158 7.50 -7.80 0.59
C HIS A 158 7.88 -9.13 -0.07
N SER A 159 8.47 -10.04 0.70
CA SER A 159 8.93 -11.35 0.18
C SER A 159 7.78 -12.15 -0.45
N ASP A 160 6.61 -12.16 0.20
CA ASP A 160 5.44 -12.91 -0.34
C ASP A 160 5.03 -12.31 -1.69
N ASP A 161 5.05 -10.98 -1.79
CA ASP A 161 4.72 -10.26 -3.04
C ASP A 161 5.74 -10.64 -4.12
N TRP A 162 7.03 -10.57 -3.77
CA TRP A 162 8.15 -10.88 -4.71
C TRP A 162 8.01 -12.32 -5.22
N ARG A 163 7.69 -13.29 -4.35
CA ARG A 163 7.55 -14.72 -4.73
C ARG A 163 6.37 -14.90 -5.70
N ILE A 164 5.23 -14.24 -5.43
CA ILE A 164 4.05 -14.28 -6.35
C ILE A 164 4.50 -13.75 -7.72
N LEU A 165 5.20 -12.61 -7.75
CA LEU A 165 5.63 -11.92 -9.00
C LEU A 165 6.62 -12.78 -9.78
N GLN A 166 7.52 -13.47 -9.08
CA GLN A 166 8.56 -14.34 -9.72
C GLN A 166 7.87 -15.55 -10.38
N GLU A 167 6.88 -16.15 -9.70
CA GLU A 167 6.08 -17.29 -10.25
C GLU A 167 5.33 -16.82 -11.50
N ALA A 168 4.81 -15.58 -11.50
CA ALA A 168 4.02 -14.97 -12.59
C ALA A 168 4.93 -14.67 -13.80
N LEU A 169 6.18 -14.26 -13.55
CA LEU A 169 7.21 -13.95 -14.58
C LEU A 169 7.57 -15.23 -15.35
N LYS A 170 7.44 -16.38 -14.68
CA LYS A 170 7.77 -17.73 -15.21
C LYS A 170 6.48 -18.46 -15.61
CO CO B . 4.21 -3.12 4.29
N1 IMD C . -20.51 -11.61 4.42
C2 IMD C . -21.44 -10.70 4.71
N3 IMD C . -21.83 -10.14 3.58
C4 IMD C . -21.19 -10.75 2.55
C5 IMD C . -20.29 -11.57 3.07
N1 IMD D . 6.01 -3.15 5.66
C2 IMD D . 5.60 -3.30 6.93
N3 IMD D . 6.66 -3.25 7.71
C4 IMD D . 7.72 -2.86 6.96
C5 IMD D . 7.36 -2.88 5.68
N1 IMD E . 2.62 -5.08 4.34
C2 IMD E . 1.43 -5.12 3.73
N3 IMD E . 1.16 -6.37 3.44
C4 IMD E . 2.28 -7.12 3.67
C5 IMD E . 3.15 -6.34 4.33
C1 GOL F . 15.65 8.15 11.34
O1 GOL F . 16.36 8.11 10.10
C2 GOL F . 16.61 8.31 12.52
O2 GOL F . 17.19 9.61 12.47
C3 GOL F . 15.93 8.09 13.84
O3 GOL F . 16.81 8.39 14.93
C1 GOL G . 20.59 2.12 -8.01
O1 GOL G . 21.14 2.00 -6.69
C2 GOL G . 19.31 1.32 -8.16
O2 GOL G . 19.57 -0.06 -7.90
C3 GOL G . 18.19 1.81 -7.25
O3 GOL G . 17.23 0.81 -6.99
C1 GOL H . 3.68 1.92 9.65
O1 GOL H . 4.76 2.16 8.74
C2 GOL H . 3.15 3.20 10.29
O2 GOL H . 4.23 3.94 10.87
C3 GOL H . 2.38 4.08 9.32
O3 GOL H . 3.18 5.15 8.83
NA NA I . -16.57 -12.83 3.82
#